data_8RBY
#
_entry.id   8RBY
#
_cell.length_a   44.481
_cell.length_b   55.915
_cell.length_c   58.774
_cell.angle_alpha   90.000
_cell.angle_beta   104.310
_cell.angle_gamma   90.000
#
_symmetry.space_group_name_H-M   'P 1 21 1'
#
loop_
_entity.id
_entity.type
_entity.pdbx_description
1 polymer 'Spike protein S1'
2 polymer 'Camel-derived nanobody 1.26'
3 non-polymer 2-acetamido-2-deoxy-beta-D-glucopyranose
4 non-polymer '3[N-MORPHOLINO]PROPANE SULFONIC ACID'
5 water water
#
loop_
_entity_poly.entity_id
_entity_poly.type
_entity_poly.pdbx_seq_one_letter_code
_entity_poly.pdbx_strand_id
1 'polypeptide(L)'
;GSITNLCPFGEVFNATRFASVYAWNRKRISNCVADYSVLYNSASFSTFKCYGVSPTKLNDLCFTNVYADSFVIRGDEVRQ
IAPGQTGKIADYNYKLPDDFTGCVIAWNSNNLDSKVGGNYNYLYRLFRKSNLKPFERDISTEIYQAGSTPCNGVEGFNCY
FPLQSYGFQPTNGVGYQPYRVVVLSFELLHAPATVCGPKLVPR
;
A
2 'polypeptide(L)'
;QVQLVESGGGLVQAGGSLRLSCAATGYTWSSVCMGWFRQAPGKEREGVAGIPSGRNRPYYADSVKGRFTISQDNAKNAVF
LLMNSLKPEDTAIYYCAPCSAPHDPEYNYWGQGTQVTVSSALV
;
B
#
loop_
_chem_comp.id
_chem_comp.type
_chem_comp.name
_chem_comp.formula
MPO non-polymer '3[N-MORPHOLINO]PROPANE SULFONIC ACID' 'C7 H15 N O4 S'
NAG D-saccharide, beta linking 2-acetamido-2-deoxy-beta-D-glucopyranose 'C8 H15 N O6'
#
# COMPACT_ATOMS: atom_id res chain seq x y z
N THR A 4 7.96 35.70 18.38
CA THR A 4 8.90 35.71 17.25
C THR A 4 9.57 34.32 17.17
N ASN A 5 9.16 33.40 18.06
CA ASN A 5 9.43 32.00 17.75
C ASN A 5 8.82 31.68 16.40
N LEU A 6 9.66 31.40 15.41
CA LEU A 6 9.15 30.87 14.15
C LEU A 6 8.75 29.40 14.36
N CYS A 7 7.56 29.03 13.90
CA CYS A 7 7.19 27.63 13.93
C CYS A 7 8.05 26.79 12.99
N PRO A 8 8.37 25.57 13.38
CA PRO A 8 9.32 24.73 12.65
C PRO A 8 8.67 23.98 11.49
N PHE A 9 8.13 24.74 10.53
CA PHE A 9 7.65 24.09 9.31
C PHE A 9 8.78 23.38 8.58
N GLY A 10 10.02 23.85 8.72
CA GLY A 10 11.12 23.16 8.07
C GLY A 10 11.25 21.71 8.51
N GLU A 11 11.08 21.45 9.81
CA GLU A 11 11.19 20.08 10.27
C GLU A 11 9.92 19.26 10.03
N VAL A 12 8.79 19.88 9.74
CA VAL A 12 7.62 19.13 9.28
C VAL A 12 7.72 18.84 7.79
N PHE A 13 7.93 19.87 6.99
CA PHE A 13 7.86 19.66 5.54
C PHE A 13 9.12 19.00 4.99
N ASN A 14 10.25 19.18 5.67
CA ASN A 14 11.54 18.68 5.21
C ASN A 14 12.16 17.74 6.23
N ALA A 15 11.30 16.97 6.90
CA ALA A 15 11.74 15.96 7.85
C ALA A 15 12.58 14.90 7.14
N THR A 16 13.58 14.37 7.85
CA THR A 16 14.48 13.40 7.23
C THR A 16 13.78 12.06 6.97
N ARG A 17 12.73 11.75 7.70
CA ARG A 17 11.94 10.53 7.51
C ARG A 17 10.47 10.92 7.41
N PHE A 18 9.74 10.24 6.53
CA PHE A 18 8.28 10.36 6.49
C PHE A 18 7.68 9.00 6.81
N ALA A 19 6.53 9.04 7.48
CA ALA A 19 5.87 7.82 7.92
C ALA A 19 5.03 7.18 6.83
N SER A 20 4.88 5.86 6.94
CA SER A 20 3.81 5.17 6.25
C SER A 20 2.47 5.71 6.71
N VAL A 21 1.53 5.82 5.77
CA VAL A 21 0.23 6.42 6.07
C VAL A 21 -0.49 5.68 7.20
N TYR A 22 -0.33 4.35 7.30
CA TYR A 22 -1.02 3.64 8.38
C TYR A 22 -0.47 4.06 9.75
N ALA A 23 0.81 4.40 9.82
CA ALA A 23 1.42 4.86 11.05
C ALA A 23 1.74 6.35 10.98
N TRP A 24 0.79 7.15 10.49
CA TRP A 24 1.05 8.56 10.25
C TRP A 24 1.55 9.29 11.49
N ASN A 25 2.39 10.30 11.28
CA ASN A 25 2.97 11.08 12.37
C ASN A 25 2.20 12.36 12.59
N ARG A 26 2.13 12.79 13.84
CA ARG A 26 1.53 14.07 14.18
C ARG A 26 2.53 14.89 14.95
N LYS A 27 2.71 16.15 14.55
CA LYS A 27 3.50 17.09 15.32
C LYS A 27 2.61 18.22 15.76
N ARG A 28 2.79 18.67 17.00
CA ARG A 28 1.94 19.73 17.51
C ARG A 28 2.73 21.02 17.38
N ILE A 29 2.07 22.04 16.84
CA ILE A 29 2.67 23.36 16.60
C ILE A 29 2.00 24.35 17.53
N SER A 30 2.78 25.01 18.38
CA SER A 30 2.21 26.02 19.26
C SER A 30 3.29 26.99 19.70
N ASN A 31 2.86 28.13 20.27
CA ASN A 31 3.76 29.09 20.89
C ASN A 31 4.79 29.59 19.89
N CYS A 32 4.31 30.03 18.73
CA CYS A 32 5.20 30.35 17.64
C CYS A 32 4.46 31.18 16.59
N VAL A 33 5.24 31.75 15.68
CA VAL A 33 4.78 32.59 14.58
C VAL A 33 4.86 31.76 13.32
N ALA A 34 3.74 31.57 12.65
CA ALA A 34 3.68 30.74 11.44
C ALA A 34 3.69 31.66 10.21
N ASP A 35 4.80 31.68 9.49
CA ASP A 35 4.86 32.38 8.20
C ASP A 35 4.67 31.37 7.08
N TYR A 36 3.56 31.52 6.35
CA TYR A 36 3.23 30.72 5.18
C TYR A 36 3.93 31.15 3.91
N SER A 37 4.76 32.19 3.96
CA SER A 37 5.43 32.65 2.74
C SER A 37 6.26 31.55 2.11
N VAL A 38 7.00 30.78 2.92
CA VAL A 38 7.77 29.67 2.36
C VAL A 38 6.82 28.67 1.73
N LEU A 39 5.61 28.56 2.28
CA LEU A 39 4.65 27.57 1.81
C LEU A 39 3.97 28.04 0.52
N TYR A 40 3.47 29.29 0.51
CA TYR A 40 2.92 29.84 -0.73
C TYR A 40 3.94 29.85 -1.87
N ASN A 41 5.21 30.07 -1.56
CA ASN A 41 6.24 30.23 -2.57
C ASN A 41 6.95 28.90 -2.88
N SER A 42 6.31 27.77 -2.58
CA SER A 42 6.92 26.45 -2.79
C SER A 42 7.30 26.22 -4.24
N ALA A 43 6.31 26.28 -5.14
CA ALA A 43 6.39 25.67 -6.46
C ALA A 43 7.03 24.29 -6.43
N SER A 44 6.89 23.56 -5.30
CA SER A 44 6.94 22.11 -5.35
C SER A 44 5.58 21.52 -5.06
N PHE A 45 4.76 22.22 -4.28
CA PHE A 45 3.48 21.66 -3.87
C PHE A 45 2.55 21.51 -5.07
N SER A 46 2.00 20.30 -5.22
CA SER A 46 0.99 20.02 -6.23
CA SER A 46 0.99 20.05 -6.23
C SER A 46 -0.42 20.19 -5.70
N THR A 47 -0.60 20.13 -4.38
CA THR A 47 -1.88 20.30 -3.74
C THR A 47 -1.70 21.29 -2.60
N PHE A 48 -2.61 22.26 -2.52
CA PHE A 48 -2.66 23.21 -1.40
C PHE A 48 -4.13 23.61 -1.27
N LYS A 49 -4.87 22.83 -0.48
CA LYS A 49 -6.31 23.03 -0.33
C LYS A 49 -6.63 23.29 1.12
N CYS A 50 -7.43 24.31 1.38
CA CYS A 50 -7.84 24.65 2.74
C CYS A 50 -9.35 24.51 2.86
N TYR A 51 -9.79 24.21 4.08
CA TYR A 51 -11.17 23.88 4.37
C TYR A 51 -11.61 24.71 5.57
N GLY A 52 -12.72 25.42 5.42
CA GLY A 52 -13.21 26.26 6.50
C GLY A 52 -12.47 27.58 6.66
N VAL A 53 -11.38 27.78 5.93
CA VAL A 53 -10.58 28.99 5.98
C VAL A 53 -10.07 29.23 4.56
N SER A 54 -9.77 30.48 4.27
CA SER A 54 -9.18 30.89 3.00
CA SER A 54 -9.18 30.90 3.01
C SER A 54 -7.66 30.86 3.09
N PRO A 55 -6.96 30.30 2.10
CA PRO A 55 -5.50 30.32 2.13
C PRO A 55 -4.89 31.68 1.84
N THR A 56 -5.67 32.63 1.29
CA THR A 56 -5.21 34.01 1.15
C THR A 56 -5.33 34.81 2.44
N LYS A 57 -5.81 34.20 3.52
CA LYS A 57 -5.99 34.81 4.83
C LYS A 57 -5.03 34.30 5.91
N LEU A 58 -4.25 33.25 5.64
CA LEU A 58 -3.61 32.51 6.73
C LEU A 58 -2.65 33.38 7.54
N ASN A 59 -1.75 34.12 6.87
CA ASN A 59 -0.80 34.95 7.61
C ASN A 59 -1.49 35.99 8.50
N ASP A 60 -2.77 36.24 8.30
CA ASP A 60 -3.54 37.18 9.11
C ASP A 60 -4.31 36.51 10.23
N LEU A 61 -4.16 35.21 10.41
CA LEU A 61 -5.00 34.47 11.35
C LEU A 61 -4.18 33.90 12.51
N CYS A 62 -4.89 33.69 13.62
CA CYS A 62 -4.38 33.02 14.81
C CYS A 62 -5.31 31.90 15.20
N PHE A 63 -4.71 30.86 15.78
CA PHE A 63 -5.43 29.66 16.13
C PHE A 63 -5.03 29.26 17.54
N THR A 64 -5.93 28.57 18.22
CA THR A 64 -5.63 28.02 19.54
C THR A 64 -4.49 27.01 19.44
N ASN A 65 -4.72 25.91 18.73
CA ASN A 65 -3.68 24.91 18.50
C ASN A 65 -3.63 24.55 17.02
N VAL A 66 -2.43 24.16 16.55
CA VAL A 66 -2.21 23.64 15.20
C VAL A 66 -1.49 22.30 15.31
N TYR A 67 -1.97 21.31 14.55
CA TYR A 67 -1.30 20.02 14.42
C TYR A 67 -0.88 19.81 12.98
N ALA A 68 0.29 19.22 12.78
CA ALA A 68 0.76 18.86 11.46
C ALA A 68 0.86 17.34 11.43
N ASP A 69 0.00 16.71 10.62
CA ASP A 69 0.04 15.28 10.38
C ASP A 69 0.74 15.04 9.06
N SER A 70 1.58 14.01 8.97
CA SER A 70 2.33 13.81 7.76
C SER A 70 2.58 12.32 7.49
N PHE A 71 2.72 12.00 6.21
CA PHE A 71 2.81 10.60 5.75
C PHE A 71 2.98 10.58 4.23
N VAL A 72 3.19 9.39 3.68
CA VAL A 72 3.36 9.16 2.25
C VAL A 72 2.23 8.29 1.72
N ILE A 73 1.69 8.66 0.55
CA ILE A 73 0.68 7.91 -0.18
C ILE A 73 1.03 8.02 -1.66
N ARG A 74 0.27 7.33 -2.52
CA ARG A 74 0.53 7.48 -3.95
C ARG A 74 -0.31 8.63 -4.51
N GLY A 75 0.07 9.09 -5.70
CA GLY A 75 -0.47 10.34 -6.23
C GLY A 75 -1.99 10.33 -6.36
N ASP A 76 -2.54 9.22 -6.85
CA ASP A 76 -3.98 9.10 -7.10
C ASP A 76 -4.80 9.11 -5.82
N GLU A 77 -4.16 9.06 -4.65
CA GLU A 77 -4.86 8.97 -3.38
C GLU A 77 -4.90 10.29 -2.64
N VAL A 78 -4.17 11.30 -3.14
CA VAL A 78 -4.19 12.61 -2.48
C VAL A 78 -5.62 13.13 -2.40
N ARG A 79 -6.45 12.81 -3.41
CA ARG A 79 -7.86 13.22 -3.40
C ARG A 79 -8.60 12.73 -2.17
N GLN A 80 -8.14 11.64 -1.56
CA GLN A 80 -8.80 11.08 -0.38
C GLN A 80 -8.46 11.81 0.91
N ILE A 81 -7.46 12.69 0.91
CA ILE A 81 -7.10 13.41 2.11
C ILE A 81 -7.93 14.69 2.13
N ALA A 82 -9.22 14.54 2.42
CA ALA A 82 -10.18 15.62 2.48
C ALA A 82 -11.38 15.15 3.26
N PRO A 83 -12.14 16.07 3.88
CA PRO A 83 -13.29 15.63 4.68
C PRO A 83 -14.32 14.92 3.81
N GLY A 84 -14.95 13.90 4.39
CA GLY A 84 -16.04 13.19 3.74
C GLY A 84 -15.63 12.21 2.67
N GLN A 85 -14.33 11.98 2.50
CA GLN A 85 -13.88 11.13 1.41
C GLN A 85 -14.00 9.65 1.77
N THR A 86 -13.97 8.80 0.75
CA THR A 86 -13.98 7.36 0.94
CA THR A 86 -13.99 7.36 0.91
C THR A 86 -12.86 6.74 0.10
N GLY A 87 -12.61 5.46 0.35
CA GLY A 87 -11.49 4.77 -0.24
C GLY A 87 -10.56 4.24 0.82
N LYS A 88 -9.58 3.47 0.36
CA LYS A 88 -8.77 2.69 1.29
C LYS A 88 -8.04 3.59 2.27
N ILE A 89 -7.57 4.75 1.82
CA ILE A 89 -6.83 5.66 2.69
C ILE A 89 -7.77 6.35 3.66
N ALA A 90 -8.86 6.92 3.14
CA ALA A 90 -9.79 7.64 4.01
C ALA A 90 -10.50 6.69 4.99
N ASP A 91 -10.75 5.45 4.57
CA ASP A 91 -11.50 4.52 5.40
C ASP A 91 -10.62 3.83 6.43
N TYR A 92 -9.39 3.43 6.04
CA TYR A 92 -8.61 2.50 6.84
C TYR A 92 -7.29 3.05 7.35
N ASN A 93 -6.87 4.24 6.90
CA ASN A 93 -5.52 4.74 7.19
C ASN A 93 -5.54 6.12 7.84
N TYR A 94 -6.19 7.10 7.22
CA TYR A 94 -6.16 8.45 7.74
C TYR A 94 -7.47 9.14 7.39
N LYS A 95 -8.28 9.42 8.42
CA LYS A 95 -9.63 9.97 8.32
C LYS A 95 -9.66 11.38 8.85
N LEU A 96 -10.15 12.30 8.05
CA LEU A 96 -10.39 13.66 8.47
C LEU A 96 -11.84 13.78 8.98
N PRO A 97 -12.11 14.59 10.00
CA PRO A 97 -13.50 14.73 10.46
C PRO A 97 -14.39 15.33 9.37
N ASP A 98 -15.68 15.01 9.45
CA ASP A 98 -16.62 15.57 8.50
C ASP A 98 -16.56 17.09 8.47
N ASP A 99 -16.15 17.72 9.58
CA ASP A 99 -16.19 19.17 9.80
C ASP A 99 -14.80 19.77 9.96
N PHE A 100 -13.83 19.27 9.21
CA PHE A 100 -12.43 19.66 9.33
C PHE A 100 -12.20 21.14 9.00
N THR A 101 -11.35 21.81 9.78
CA THR A 101 -10.83 23.13 9.48
C THR A 101 -9.31 23.08 9.42
N GLY A 102 -8.74 23.36 8.26
CA GLY A 102 -7.30 23.32 8.10
C GLY A 102 -6.94 23.26 6.62
N CYS A 103 -5.71 22.81 6.36
CA CYS A 103 -5.21 22.78 4.98
C CYS A 103 -4.52 21.46 4.73
N VAL A 104 -4.52 21.06 3.46
CA VAL A 104 -3.88 19.83 3.00
C VAL A 104 -2.88 20.22 1.93
N ILE A 105 -1.62 19.85 2.15
CA ILE A 105 -0.52 20.19 1.26
C ILE A 105 0.17 18.89 0.85
N ALA A 106 0.44 18.75 -0.44
CA ALA A 106 1.06 17.52 -0.93
C ALA A 106 1.99 17.85 -2.09
N TRP A 107 3.04 17.03 -2.24
CA TRP A 107 4.01 17.22 -3.32
C TRP A 107 4.61 15.89 -3.72
N ASN A 108 5.12 15.83 -4.95
CA ASN A 108 5.65 14.58 -5.49
C ASN A 108 7.04 14.35 -4.90
N SER A 109 7.25 13.17 -4.30
CA SER A 109 8.52 12.85 -3.65
C SER A 109 9.21 11.69 -4.33
N ASN A 110 8.93 11.50 -5.62
CA ASN A 110 9.55 10.42 -6.41
C ASN A 110 11.04 10.36 -6.18
N ASN A 111 11.70 11.52 -6.17
CA ASN A 111 13.16 11.55 -6.11
C ASN A 111 13.69 11.05 -4.78
N LEU A 112 12.91 11.22 -3.71
CA LEU A 112 13.35 10.84 -2.37
C LEU A 112 12.81 9.50 -1.93
N ASP A 113 11.61 9.11 -2.39
CA ASP A 113 10.92 7.98 -1.81
C ASP A 113 10.83 6.79 -2.75
N SER A 114 11.24 6.95 -4.01
CA SER A 114 11.31 5.88 -4.98
C SER A 114 12.74 5.34 -5.07
N LYS A 115 12.86 4.11 -5.58
CA LYS A 115 14.16 3.50 -5.88
C LYS A 115 14.01 2.72 -7.19
N VAL A 116 15.04 2.78 -8.04
CA VAL A 116 15.08 1.85 -9.17
C VAL A 116 14.99 0.44 -8.63
N GLY A 117 14.11 -0.36 -9.23
CA GLY A 117 13.77 -1.66 -8.71
C GLY A 117 12.66 -1.63 -7.68
N GLY A 118 12.36 -0.46 -7.11
CA GLY A 118 11.27 -0.31 -6.18
C GLY A 118 11.68 -0.14 -4.73
N ASN A 119 11.10 0.87 -4.08
CA ASN A 119 11.02 0.93 -2.62
C ASN A 119 9.69 0.32 -2.19
N TYR A 120 9.74 -0.76 -1.40
CA TYR A 120 8.52 -1.44 -0.97
C TYR A 120 8.27 -1.32 0.52
N ASN A 121 8.84 -0.31 1.17
CA ASN A 121 8.75 -0.21 2.63
C ASN A 121 7.76 0.84 3.11
N TYR A 122 7.15 1.61 2.20
CA TYR A 122 5.98 2.42 2.56
C TYR A 122 4.76 1.51 2.45
N LEU A 123 4.00 1.39 3.55
CA LEU A 123 2.85 0.52 3.59
C LEU A 123 1.57 1.31 3.80
N TYR A 124 0.43 0.66 3.51
CA TYR A 124 -0.89 1.17 3.84
C TYR A 124 -1.73 0.01 4.35
N ARG A 125 -2.79 0.32 5.09
CA ARG A 125 -3.73 -0.71 5.53
C ARG A 125 -4.68 -1.01 4.38
N LEU A 126 -4.68 -2.26 3.92
CA LEU A 126 -5.54 -2.64 2.82
C LEU A 126 -6.85 -3.28 3.29
N PHE A 127 -6.85 -3.93 4.46
CA PHE A 127 -8.05 -4.47 5.08
C PHE A 127 -8.22 -4.06 6.53
N ARG A 128 -9.49 -3.87 6.92
CA ARG A 128 -9.88 -3.57 8.29
C ARG A 128 -11.37 -3.87 8.42
N LYS A 129 -11.79 -4.33 9.61
CA LYS A 129 -13.19 -4.71 9.80
C LYS A 129 -14.12 -3.51 9.77
N SER A 130 -13.65 -2.33 10.20
CA SER A 130 -14.49 -1.14 10.24
C SER A 130 -13.65 0.08 9.91
N ASN A 131 -14.31 1.14 9.42
CA ASN A 131 -13.61 2.40 9.18
C ASN A 131 -12.99 2.96 10.44
N LEU A 132 -11.88 3.67 10.24
CA LEU A 132 -11.32 4.49 11.31
C LEU A 132 -12.29 5.57 11.74
N LYS A 133 -12.17 5.98 12.99
CA LYS A 133 -12.75 7.25 13.41
C LYS A 133 -11.80 8.39 13.04
N PRO A 134 -12.32 9.60 12.87
CA PRO A 134 -11.46 10.73 12.49
C PRO A 134 -10.25 10.81 13.40
N PHE A 135 -9.08 11.01 12.78
CA PHE A 135 -7.80 11.13 13.47
C PHE A 135 -7.42 9.87 14.25
N GLU A 136 -8.07 8.74 14.00
CA GLU A 136 -7.65 7.51 14.64
C GLU A 136 -6.43 6.96 13.92
N ARG A 137 -5.55 6.32 14.67
CA ARG A 137 -4.32 5.74 14.15
C ARG A 137 -4.28 4.28 14.56
N ASP A 138 -4.20 3.39 13.58
CA ASP A 138 -4.23 1.95 13.82
C ASP A 138 -2.95 1.34 13.29
N ILE A 139 -2.10 0.86 14.19
CA ILE A 139 -0.86 0.21 13.79
C ILE A 139 -0.86 -1.28 14.12
N SER A 140 -2.01 -1.85 14.45
CA SER A 140 -2.07 -3.28 14.74
C SER A 140 -1.84 -4.10 13.46
N THR A 141 -1.47 -5.37 13.65
CA THR A 141 -1.09 -6.20 12.50
C THR A 141 -1.70 -7.60 12.60
N GLU A 142 -2.92 -7.69 13.13
CA GLU A 142 -3.56 -8.99 13.25
C GLU A 142 -4.07 -9.48 11.89
N ILE A 143 -3.97 -10.79 11.67
CA ILE A 143 -4.36 -11.38 10.39
C ILE A 143 -5.84 -11.13 10.16
N TYR A 144 -6.18 -10.71 8.94
CA TYR A 144 -7.53 -10.31 8.56
C TYR A 144 -8.26 -11.46 7.87
N GLN A 145 -9.42 -11.84 8.41
CA GLN A 145 -10.27 -12.88 7.81
C GLN A 145 -11.06 -12.33 6.64
N ALA A 146 -10.64 -12.65 5.42
CA ALA A 146 -11.39 -12.20 4.24
C ALA A 146 -12.42 -13.21 3.76
N GLY A 147 -12.23 -14.50 4.05
CA GLY A 147 -13.14 -15.54 3.64
C GLY A 147 -14.01 -16.01 4.79
N SER A 148 -14.60 -17.20 4.62
CA SER A 148 -15.55 -17.66 5.63
C SER A 148 -14.88 -18.37 6.81
N THR A 149 -13.78 -19.08 6.57
CA THR A 149 -13.13 -19.86 7.62
C THR A 149 -12.20 -18.99 8.47
N PRO A 150 -12.31 -19.05 9.81
CA PRO A 150 -11.41 -18.25 10.66
C PRO A 150 -9.94 -18.61 10.43
N CYS A 151 -9.07 -17.61 10.57
CA CYS A 151 -7.65 -17.85 10.30
C CYS A 151 -6.78 -18.31 11.46
N ASN A 152 -7.20 -18.22 12.72
CA ASN A 152 -6.30 -18.57 13.82
C ASN A 152 -4.93 -17.90 13.71
N GLY A 153 -4.91 -16.64 13.30
CA GLY A 153 -3.64 -15.94 13.23
C GLY A 153 -2.67 -16.44 12.18
N VAL A 154 -3.12 -17.29 11.26
CA VAL A 154 -2.26 -17.83 10.20
C VAL A 154 -2.65 -17.19 8.87
N GLU A 155 -1.63 -16.77 8.11
CA GLU A 155 -1.86 -16.32 6.75
C GLU A 155 -2.22 -17.50 5.84
N GLY A 156 -3.14 -17.26 4.92
CA GLY A 156 -3.56 -18.26 3.96
C GLY A 156 -4.20 -17.55 2.78
N PHE A 157 -4.82 -18.33 1.88
CA PHE A 157 -5.39 -17.71 0.68
C PHE A 157 -6.53 -16.73 0.92
N ASN A 158 -7.21 -16.81 2.06
CA ASN A 158 -8.25 -15.86 2.40
C ASN A 158 -8.00 -15.20 3.75
N CYS A 159 -6.74 -15.18 4.19
CA CYS A 159 -6.35 -14.80 5.54
C CYS A 159 -5.08 -13.96 5.39
N TYR A 160 -5.23 -12.65 5.45
CA TYR A 160 -4.23 -11.72 4.98
C TYR A 160 -3.60 -10.91 6.09
N PHE A 161 -2.29 -10.74 6.03
CA PHE A 161 -1.69 -9.66 6.78
C PHE A 161 -2.37 -8.36 6.33
N PRO A 162 -2.72 -7.45 7.25
CA PRO A 162 -3.64 -6.35 6.88
C PRO A 162 -2.98 -5.20 6.13
N LEU A 163 -1.66 -5.10 6.16
CA LEU A 163 -0.92 -4.05 5.48
C LEU A 163 -0.49 -4.52 4.10
N GLN A 164 -0.27 -3.56 3.20
CA GLN A 164 0.25 -3.92 1.89
C GLN A 164 1.29 -2.86 1.49
N SER A 165 2.20 -3.23 0.62
CA SER A 165 3.25 -2.28 0.26
C SER A 165 2.86 -1.49 -0.99
N TYR A 166 3.18 -0.20 -1.00
CA TYR A 166 3.27 0.53 -2.26
C TYR A 166 4.50 0.07 -3.04
N GLY A 167 4.42 0.10 -4.37
CA GLY A 167 5.62 -0.25 -5.12
C GLY A 167 6.25 0.94 -5.81
N PHE A 168 7.04 1.73 -5.08
CA PHE A 168 7.50 3.04 -5.53
C PHE A 168 8.77 2.90 -6.36
N GLN A 169 8.63 3.01 -7.67
CA GLN A 169 9.76 3.02 -8.59
C GLN A 169 9.61 4.20 -9.53
N PRO A 170 10.71 4.85 -9.91
CA PRO A 170 10.60 6.15 -10.61
C PRO A 170 9.93 6.07 -11.96
N THR A 171 9.76 4.88 -12.55
CA THR A 171 9.10 4.76 -13.83
C THR A 171 7.58 4.67 -13.73
N ASN A 172 7.00 4.43 -12.54
CA ASN A 172 5.55 4.51 -12.44
C ASN A 172 5.02 5.84 -12.96
N GLY A 173 3.78 5.79 -13.46
CA GLY A 173 3.07 7.03 -13.69
C GLY A 173 2.83 7.79 -12.41
N VAL A 174 2.50 9.07 -12.55
CA VAL A 174 2.51 9.93 -11.36
C VAL A 174 1.44 9.51 -10.36
N GLY A 175 0.33 8.94 -10.83
CA GLY A 175 -0.68 8.47 -9.90
C GLY A 175 -0.23 7.31 -9.03
N TYR A 176 0.85 6.64 -9.42
CA TYR A 176 1.43 5.55 -8.65
C TYR A 176 2.77 5.94 -8.03
N GLN A 177 3.19 7.18 -8.17
CA GLN A 177 4.40 7.71 -7.56
C GLN A 177 4.13 8.18 -6.13
N PRO A 178 5.17 8.28 -5.29
CA PRO A 178 4.96 8.70 -3.90
C PRO A 178 4.76 10.21 -3.76
N TYR A 179 3.80 10.56 -2.92
CA TYR A 179 3.54 11.95 -2.56
C TYR A 179 3.68 12.09 -1.06
N ARG A 180 4.45 13.09 -0.63
CA ARG A 180 4.41 13.48 0.76
C ARG A 180 3.26 14.45 1.01
N VAL A 181 2.57 14.25 2.14
CA VAL A 181 1.36 14.98 2.52
C VAL A 181 1.60 15.56 3.89
N VAL A 182 1.24 16.82 4.09
CA VAL A 182 1.16 17.42 5.41
C VAL A 182 -0.23 17.96 5.59
N VAL A 183 -0.88 17.58 6.68
CA VAL A 183 -2.21 18.07 7.00
C VAL A 183 -2.09 18.99 8.21
N LEU A 184 -2.42 20.26 8.04
CA LEU A 184 -2.47 21.21 9.14
C LEU A 184 -3.92 21.38 9.57
N SER A 185 -4.23 20.95 10.80
CA SER A 185 -5.56 21.15 11.36
CA SER A 185 -5.55 21.14 11.38
C SER A 185 -5.52 22.39 12.25
N PHE A 186 -6.47 23.29 12.02
CA PHE A 186 -6.58 24.49 12.82
C PHE A 186 -7.76 24.29 13.77
N GLU A 187 -7.48 24.35 15.06
CA GLU A 187 -8.49 24.14 16.08
C GLU A 187 -8.69 25.48 16.74
N LEU A 188 -9.91 25.98 16.72
CA LEU A 188 -10.13 27.32 17.22
C LEU A 188 -11.08 27.23 18.40
N LEU A 189 -10.54 27.51 19.57
CA LEU A 189 -11.17 27.33 20.85
C LEU A 189 -11.29 28.69 21.53
N HIS A 190 -11.76 28.67 22.76
CA HIS A 190 -12.38 29.87 23.28
C HIS A 190 -11.38 30.47 24.24
N ALA A 191 -10.16 30.69 23.73
CA ALA A 191 -8.96 30.73 24.56
C ALA A 191 -7.92 31.59 23.83
N PRO A 192 -6.87 32.00 24.53
CA PRO A 192 -5.78 32.73 23.86
C PRO A 192 -5.16 31.92 22.74
N ALA A 193 -4.83 32.60 21.64
CA ALA A 193 -4.17 31.96 20.53
C ALA A 193 -2.72 31.69 20.86
N THR A 194 -2.19 30.56 20.38
CA THR A 194 -0.77 30.27 20.49
C THR A 194 -0.05 30.23 19.15
N VAL A 195 -0.79 30.16 18.04
CA VAL A 195 -0.20 30.18 16.70
C VAL A 195 -0.79 31.34 15.92
N CYS A 196 0.05 32.31 15.56
CA CYS A 196 -0.37 33.45 14.75
C CYS A 196 0.55 33.62 13.55
N GLY A 197 0.00 34.22 12.52
CA GLY A 197 0.81 34.72 11.44
C GLY A 197 1.55 35.95 11.87
N PRO A 198 2.42 36.46 11.00
CA PRO A 198 3.10 37.75 11.21
C PRO A 198 2.20 38.91 10.82
N GLN B 3 5.37 -3.83 -14.23
CA GLN B 3 5.30 -4.95 -15.16
C GLN B 3 5.63 -6.29 -14.48
N LEU B 4 5.43 -7.38 -15.22
CA LEU B 4 5.61 -8.71 -14.66
C LEU B 4 5.93 -9.67 -15.80
N VAL B 5 6.88 -10.57 -15.56
CA VAL B 5 7.14 -11.69 -16.47
C VAL B 5 7.05 -12.99 -15.67
N GLU B 6 6.14 -13.87 -16.06
CA GLU B 6 6.13 -15.24 -15.56
C GLU B 6 6.50 -16.21 -16.68
N SER B 7 7.19 -17.28 -16.30
CA SER B 7 7.79 -18.17 -17.28
C SER B 7 8.11 -19.51 -16.62
N GLY B 8 8.56 -20.46 -17.44
CA GLY B 8 8.93 -21.77 -16.96
C GLY B 8 7.90 -22.85 -17.23
N GLY B 9 6.71 -22.47 -17.69
CA GLY B 9 5.69 -23.45 -18.00
C GLY B 9 6.05 -24.29 -19.22
N GLY B 10 5.29 -25.36 -19.41
CA GLY B 10 5.61 -26.28 -20.48
C GLY B 10 4.76 -27.53 -20.40
N LEU B 11 5.06 -28.45 -21.32
CA LEU B 11 4.43 -29.76 -21.39
C LEU B 11 5.32 -30.78 -20.70
N VAL B 12 4.74 -31.56 -19.78
CA VAL B 12 5.49 -32.47 -18.94
CA VAL B 12 5.48 -32.48 -18.93
C VAL B 12 4.70 -33.78 -18.83
N GLN B 13 5.42 -34.88 -18.64
CA GLN B 13 4.68 -36.12 -18.45
C GLN B 13 4.12 -36.12 -17.05
N ALA B 14 3.07 -36.91 -16.85
CA ALA B 14 2.59 -37.16 -15.50
C ALA B 14 3.72 -37.76 -14.65
N GLY B 15 3.83 -37.27 -13.42
CA GLY B 15 4.92 -37.61 -12.53
C GLY B 15 6.11 -36.69 -12.61
N GLY B 16 6.21 -35.87 -13.65
CA GLY B 16 7.38 -35.04 -13.88
C GLY B 16 7.36 -33.75 -13.07
N SER B 17 8.29 -32.86 -13.41
CA SER B 17 8.53 -31.64 -12.65
C SER B 17 8.71 -30.44 -13.56
N LEU B 18 8.53 -29.26 -12.97
CA LEU B 18 8.60 -27.95 -13.58
C LEU B 18 8.96 -26.96 -12.50
N ARG B 19 9.80 -25.98 -12.81
CA ARG B 19 10.00 -24.87 -11.90
C ARG B 19 9.53 -23.61 -12.61
N LEU B 20 8.52 -22.93 -12.03
CA LEU B 20 8.03 -21.67 -12.55
C LEU B 20 8.80 -20.54 -11.89
N SER B 21 9.03 -19.48 -12.66
CA SER B 21 9.68 -18.28 -12.15
C SER B 21 8.81 -17.09 -12.45
N CYS B 22 8.79 -16.14 -11.51
CA CYS B 22 8.08 -14.89 -11.65
C CYS B 22 9.05 -13.77 -11.27
N ALA B 23 9.07 -12.71 -12.06
CA ALA B 23 9.86 -11.53 -11.75
C ALA B 23 8.95 -10.32 -11.87
N ALA B 24 8.75 -9.60 -10.76
CA ALA B 24 7.77 -8.53 -10.73
C ALA B 24 8.37 -7.29 -10.06
N THR B 25 7.93 -6.12 -10.52
CA THR B 25 8.40 -4.85 -9.97
C THR B 25 7.24 -3.88 -9.88
N GLY B 26 7.39 -2.89 -9.01
CA GLY B 26 6.31 -1.94 -8.83
C GLY B 26 5.15 -2.59 -8.11
N TYR B 27 3.94 -2.21 -8.51
CA TYR B 27 2.72 -2.66 -7.85
C TYR B 27 2.36 -4.11 -8.14
N THR B 28 3.11 -4.80 -8.99
CA THR B 28 2.94 -6.23 -9.11
C THR B 28 3.77 -7.01 -8.11
N TRP B 29 4.55 -6.33 -7.27
CA TRP B 29 5.35 -7.01 -6.27
C TRP B 29 4.75 -6.62 -4.92
N SER B 30 4.90 -7.47 -3.91
CA SER B 30 4.52 -7.07 -2.57
C SER B 30 5.63 -7.48 -1.61
N SER B 31 5.98 -6.61 -0.65
CA SER B 31 6.95 -6.96 0.37
C SER B 31 6.30 -7.66 1.55
N VAL B 32 5.00 -7.93 1.48
CA VAL B 32 4.27 -8.58 2.56
C VAL B 32 4.03 -10.06 2.25
N CYS B 33 3.56 -10.38 1.04
CA CYS B 33 3.26 -11.77 0.71
C CYS B 33 3.17 -11.91 -0.80
N MET B 34 3.85 -12.90 -1.38
CA MET B 34 3.69 -13.14 -2.80
C MET B 34 3.16 -14.55 -3.02
N GLY B 35 2.39 -14.71 -4.10
CA GLY B 35 1.62 -15.92 -4.28
C GLY B 35 1.61 -16.37 -5.73
N TRP B 36 1.45 -17.68 -5.89
CA TRP B 36 1.12 -18.30 -7.16
C TRP B 36 -0.34 -18.72 -7.16
N PHE B 37 -1.00 -18.49 -8.30
CA PHE B 37 -2.39 -18.83 -8.55
C PHE B 37 -2.46 -19.63 -9.85
N ARG B 38 -3.59 -20.29 -10.10
CA ARG B 38 -3.75 -20.94 -11.40
C ARG B 38 -5.20 -20.90 -11.81
N GLN B 39 -5.42 -20.96 -13.11
CA GLN B 39 -6.77 -21.08 -13.68
C GLN B 39 -6.79 -22.25 -14.64
N ALA B 40 -7.52 -23.30 -14.28
CA ALA B 40 -7.82 -24.35 -15.22
C ALA B 40 -8.85 -23.85 -16.22
N PRO B 41 -8.81 -24.31 -17.47
CA PRO B 41 -9.80 -23.84 -18.44
C PRO B 41 -11.21 -24.15 -17.97
N GLY B 42 -12.08 -23.13 -18.01
CA GLY B 42 -13.46 -23.31 -17.61
C GLY B 42 -13.72 -23.28 -16.10
N LYS B 43 -12.69 -23.17 -15.27
CA LYS B 43 -12.85 -22.90 -13.84
C LYS B 43 -12.35 -21.50 -13.52
N GLU B 44 -12.52 -21.11 -12.27
CA GLU B 44 -12.05 -19.81 -11.82
C GLU B 44 -10.67 -19.94 -11.17
N ARG B 45 -9.94 -18.82 -11.15
CA ARG B 45 -8.65 -18.74 -10.47
C ARG B 45 -8.72 -19.37 -9.09
N GLU B 46 -7.62 -20.00 -8.73
CA GLU B 46 -7.47 -20.76 -7.50
C GLU B 46 -6.11 -20.42 -6.94
N GLY B 47 -6.01 -20.22 -5.64
CA GLY B 47 -4.70 -20.06 -5.02
C GLY B 47 -3.95 -21.40 -5.01
N VAL B 48 -2.65 -21.33 -5.23
CA VAL B 48 -1.80 -22.51 -5.28
C VAL B 48 -0.81 -22.52 -4.12
N ALA B 49 -0.14 -21.39 -3.88
CA ALA B 49 0.83 -21.26 -2.82
C ALA B 49 1.07 -19.79 -2.57
N GLY B 50 1.34 -19.47 -1.30
CA GLY B 50 1.72 -18.11 -0.91
C GLY B 50 2.87 -18.15 0.07
N ILE B 51 3.70 -17.11 0.02
CA ILE B 51 4.88 -17.05 0.89
C ILE B 51 4.92 -15.69 1.59
N PRO B 52 4.54 -15.62 2.86
CA PRO B 52 4.69 -14.37 3.60
C PRO B 52 6.16 -14.01 3.79
N SER B 53 6.46 -12.72 3.71
CA SER B 53 7.84 -12.27 3.89
C SER B 53 8.34 -12.44 5.31
N GLY B 54 7.45 -12.59 6.28
CA GLY B 54 7.88 -12.90 7.63
C GLY B 54 6.73 -13.50 8.40
N ARG B 55 6.92 -13.64 9.71
CA ARG B 55 5.83 -13.91 10.63
C ARG B 55 5.21 -15.30 10.46
N ASN B 56 5.35 -15.89 9.28
CA ASN B 56 4.48 -16.99 8.91
C ASN B 56 5.15 -17.85 7.84
N ARG B 57 4.82 -19.11 7.84
CA ARG B 57 5.41 -20.05 6.89
C ARG B 57 4.63 -19.98 5.57
N PRO B 58 5.19 -20.54 4.49
CA PRO B 58 4.39 -20.62 3.25
C PRO B 58 3.22 -21.57 3.41
N TYR B 59 2.19 -21.36 2.58
CA TYR B 59 0.98 -22.15 2.65
C TYR B 59 0.60 -22.61 1.25
N TYR B 60 -0.14 -23.73 1.19
CA TYR B 60 -0.34 -24.41 -0.08
C TYR B 60 -1.79 -24.84 -0.20
N ALA B 61 -2.29 -24.85 -1.44
CA ALA B 61 -3.57 -25.50 -1.70
C ALA B 61 -3.50 -26.95 -1.24
N ASP B 62 -4.62 -27.47 -0.75
CA ASP B 62 -4.61 -28.86 -0.28
C ASP B 62 -4.20 -29.83 -1.39
N SER B 63 -4.56 -29.54 -2.65
CA SER B 63 -4.28 -30.52 -3.69
C SER B 63 -2.80 -30.57 -4.07
N VAL B 64 -1.96 -29.67 -3.56
CA VAL B 64 -0.58 -29.61 -4.02
C VAL B 64 0.38 -29.70 -2.85
N LYS B 65 -0.13 -29.73 -1.61
CA LYS B 65 0.76 -29.90 -0.46
C LYS B 65 1.56 -31.19 -0.56
N GLY B 66 2.84 -31.09 -0.24
CA GLY B 66 3.76 -32.20 -0.39
C GLY B 66 4.38 -32.31 -1.77
N ARG B 67 3.83 -31.63 -2.77
CA ARG B 67 4.37 -31.74 -4.13
C ARG B 67 4.96 -30.44 -4.65
N PHE B 68 4.45 -29.29 -4.23
CA PHE B 68 4.90 -27.98 -4.69
C PHE B 68 5.66 -27.29 -3.57
N THR B 69 6.63 -26.45 -3.97
CA THR B 69 7.40 -25.65 -3.03
C THR B 69 7.54 -24.25 -3.59
N ILE B 70 7.08 -23.26 -2.83
CA ILE B 70 7.19 -21.86 -3.23
C ILE B 70 8.40 -21.27 -2.51
N SER B 71 9.11 -20.39 -3.19
CA SER B 71 10.29 -19.76 -2.59
C SER B 71 10.40 -18.36 -3.18
N GLN B 72 11.27 -17.56 -2.57
CA GLN B 72 11.48 -16.17 -2.97
C GLN B 72 12.96 -15.81 -3.03
N ASP B 73 13.22 -14.72 -3.75
CA ASP B 73 14.50 -14.01 -3.66
C ASP B 73 14.13 -12.53 -3.66
N ASN B 74 14.15 -11.93 -2.47
CA ASN B 74 13.75 -10.54 -2.31
C ASN B 74 14.65 -9.59 -3.09
N ALA B 75 15.93 -9.96 -3.23
CA ALA B 75 16.89 -9.06 -3.86
C ALA B 75 16.65 -8.92 -5.35
N LYS B 76 16.11 -9.94 -5.99
CA LYS B 76 15.86 -9.91 -7.42
C LYS B 76 14.36 -9.78 -7.75
N ASN B 77 13.53 -9.59 -6.73
CA ASN B 77 12.07 -9.51 -6.89
C ASN B 77 11.53 -10.72 -7.66
N ALA B 78 11.89 -11.91 -7.21
CA ALA B 78 11.51 -13.14 -7.88
C ALA B 78 10.75 -14.05 -6.92
N VAL B 79 9.72 -14.73 -7.46
CA VAL B 79 9.03 -15.81 -6.78
C VAL B 79 9.15 -17.05 -7.64
N PHE B 80 9.27 -18.21 -7.00
CA PHE B 80 9.52 -19.45 -7.71
C PHE B 80 8.53 -20.50 -7.23
N LEU B 81 8.09 -21.38 -8.13
CA LEU B 81 7.24 -22.50 -7.75
C LEU B 81 7.88 -23.77 -8.32
N LEU B 82 8.45 -24.58 -7.44
CA LEU B 82 8.97 -25.89 -7.83
C LEU B 82 7.83 -26.89 -7.74
N MET B 83 7.48 -27.50 -8.86
CA MET B 83 6.38 -28.45 -8.91
C MET B 83 6.92 -29.84 -9.20
N ASN B 84 6.74 -30.77 -8.28
CA ASN B 84 7.11 -32.16 -8.48
C ASN B 84 5.87 -33.04 -8.56
N SER B 85 6.05 -34.25 -9.09
CA SER B 85 4.99 -35.26 -9.11
CA SER B 85 4.99 -35.26 -9.11
C SER B 85 3.72 -34.71 -9.75
N LEU B 86 3.90 -34.05 -10.90
CA LEU B 86 2.82 -33.33 -11.55
C LEU B 86 1.75 -34.30 -12.03
N LYS B 87 0.49 -33.84 -11.94
CA LYS B 87 -0.71 -34.59 -12.27
C LYS B 87 -1.42 -33.94 -13.46
N PRO B 88 -2.08 -34.73 -14.33
CA PRO B 88 -2.90 -34.13 -15.38
C PRO B 88 -3.77 -32.96 -14.93
N GLU B 89 -4.36 -32.99 -13.74
CA GLU B 89 -5.25 -31.90 -13.35
C GLU B 89 -4.50 -30.69 -12.82
N ASP B 90 -3.18 -30.74 -12.73
CA ASP B 90 -2.42 -29.51 -12.51
C ASP B 90 -2.34 -28.65 -13.77
N THR B 91 -2.85 -29.15 -14.90
CA THR B 91 -2.86 -28.39 -16.16
C THR B 91 -3.66 -27.10 -15.99
N ALA B 92 -3.02 -25.96 -16.25
CA ALA B 92 -3.62 -24.65 -16.04
C ALA B 92 -2.63 -23.57 -16.48
N ILE B 93 -3.12 -22.33 -16.55
CA ILE B 93 -2.25 -21.15 -16.61
C ILE B 93 -1.97 -20.70 -15.19
N TYR B 94 -0.69 -20.50 -14.89
CA TYR B 94 -0.27 -20.13 -13.54
C TYR B 94 0.11 -18.66 -13.53
N TYR B 95 -0.37 -17.94 -12.52
CA TYR B 95 -0.14 -16.51 -12.38
C TYR B 95 0.57 -16.25 -11.07
N CYS B 96 1.44 -15.25 -11.05
CA CYS B 96 2.05 -14.78 -9.81
C CYS B 96 1.53 -13.37 -9.51
N ALA B 97 1.22 -13.12 -8.22
CA ALA B 97 0.67 -11.84 -7.80
C ALA B 97 0.81 -11.73 -6.29
N PRO B 98 0.69 -10.53 -5.73
CA PRO B 98 0.56 -10.42 -4.27
C PRO B 98 -0.58 -11.29 -3.77
N CYS B 99 -0.37 -11.86 -2.58
CA CYS B 99 -1.34 -12.79 -2.01
C CYS B 99 -2.71 -12.16 -1.86
N SER B 100 -2.76 -10.88 -1.55
CA SER B 100 -4.00 -10.19 -1.28
C SER B 100 -4.74 -9.78 -2.55
N ALA B 101 -4.12 -9.94 -3.73
CA ALA B 101 -4.72 -9.48 -4.97
C ALA B 101 -6.17 -9.95 -5.19
N PRO B 102 -6.57 -11.19 -4.88
CA PRO B 102 -7.97 -11.59 -5.13
C PRO B 102 -9.01 -10.76 -4.39
N HIS B 103 -8.66 -10.19 -3.23
CA HIS B 103 -9.61 -9.35 -2.50
C HIS B 103 -9.29 -7.87 -2.57
N ASP B 104 -8.39 -7.46 -3.46
CA ASP B 104 -8.05 -6.06 -3.61
C ASP B 104 -8.86 -5.51 -4.77
N PRO B 105 -9.90 -4.71 -4.54
CA PRO B 105 -10.72 -4.20 -5.66
C PRO B 105 -9.93 -3.29 -6.60
N GLU B 106 -8.71 -2.91 -6.22
CA GLU B 106 -7.85 -2.03 -7.01
C GLU B 106 -6.79 -2.76 -7.81
N TYR B 107 -6.55 -4.04 -7.53
CA TYR B 107 -5.53 -4.81 -8.24
C TYR B 107 -6.02 -5.24 -9.61
N ASN B 108 -5.45 -4.61 -10.63
CA ASN B 108 -5.76 -4.86 -12.04
C ASN B 108 -4.50 -5.13 -12.83
N TYR B 109 -3.53 -5.79 -12.21
CA TYR B 109 -2.21 -5.98 -12.81
C TYR B 109 -1.88 -7.45 -13.01
N TRP B 110 -2.91 -8.29 -13.20
CA TRP B 110 -2.68 -9.71 -13.40
C TRP B 110 -1.97 -9.91 -14.74
N GLY B 111 -0.93 -10.73 -14.74
CA GLY B 111 -0.13 -10.96 -15.92
C GLY B 111 -0.77 -11.96 -16.87
N GLN B 112 -0.04 -12.27 -17.93
CA GLN B 112 -0.54 -13.22 -18.91
C GLN B 112 -0.38 -14.65 -18.44
N GLY B 113 0.52 -14.89 -17.49
CA GLY B 113 0.70 -16.21 -16.89
C GLY B 113 1.61 -17.07 -17.73
N THR B 114 1.81 -18.30 -17.25
CA THR B 114 2.57 -19.29 -18.00
C THR B 114 1.79 -20.59 -18.01
N GLN B 115 1.68 -21.20 -19.20
CA GLN B 115 0.89 -22.40 -19.39
C GLN B 115 1.66 -23.61 -18.86
N VAL B 116 0.99 -24.43 -18.05
CA VAL B 116 1.56 -25.74 -17.72
C VAL B 116 0.57 -26.77 -18.22
N THR B 117 1.08 -27.80 -18.88
CA THR B 117 0.21 -28.83 -19.42
C THR B 117 0.83 -30.15 -19.02
N VAL B 118 0.02 -31.05 -18.47
CA VAL B 118 0.50 -32.34 -18.02
C VAL B 118 -0.21 -33.40 -18.85
N SER B 119 0.57 -34.14 -19.62
CA SER B 119 0.03 -35.15 -20.51
C SER B 119 -0.45 -36.37 -19.74
N SER B 120 -1.61 -36.87 -20.15
CA SER B 120 -2.12 -38.13 -19.63
C SER B 120 -1.84 -39.29 -20.57
N ALA B 121 -0.89 -39.12 -21.51
CA ALA B 121 -0.53 -40.21 -22.42
C ALA B 121 0.09 -41.38 -21.66
N LEU B 122 0.91 -41.11 -20.66
CA LEU B 122 1.49 -42.10 -19.77
C LEU B 122 1.10 -41.79 -18.34
N VAL B 123 0.21 -42.59 -17.76
CA VAL B 123 -0.16 -42.36 -16.36
C VAL B 123 0.10 -43.60 -15.49
C1 NAG C . 12.02 22.27 2.12
C2 NAG C . 11.67 23.76 2.30
C3 NAG C . 11.41 24.43 0.94
C4 NAG C . 12.52 24.11 -0.05
C5 NAG C . 12.75 22.60 -0.11
C6 NAG C . 13.90 22.21 -1.01
C7 NAG C . 10.53 24.55 4.33
C8 NAG C . 9.23 24.64 5.06
N2 NAG C . 10.49 23.92 3.16
O3 NAG C . 11.33 25.82 1.13
O4 NAG C . 12.19 24.60 -1.33
O5 NAG C . 13.07 22.13 1.19
O6 NAG C . 14.17 20.82 -0.92
O7 NAG C . 11.56 25.04 4.77
S1 MPO D . 15.77 7.55 8.70
O1 MPO D . 14.51 6.90 8.95
O2 MPO D . 16.01 8.75 9.47
O4 MPO D . 19.92 11.84 3.63
N1 MPO D . 18.30 9.73 4.69
C1 MPO D . 15.78 8.01 6.99
O3 MPO D . 16.91 6.60 8.86
C2 MPO D . 17.07 8.70 6.60
C3 MPO D . 17.01 9.18 5.15
C4 MPO D . 18.66 10.91 5.49
C5 MPO D . 19.98 11.48 5.01
C6 MPO D . 19.56 10.71 2.84
C7 MPO D . 18.23 10.12 3.27
#